data_6D4S
#
_entry.id   6D4S
#
_cell.length_a   89.400
_cell.length_b   89.400
_cell.length_c   85.310
_cell.angle_alpha   90.00
_cell.angle_beta   90.00
_cell.angle_gamma   90.00
#
_symmetry.space_group_name_H-M   'I 4'
#
loop_
_entity.id
_entity.type
_entity.pdbx_description
1 polymer "Inosine-5'-monophosphate dehydrogenase,Inosine-5'-monophosphate dehydrogenase"
2 non-polymer 'INOSINIC ACID'
3 non-polymer N-(2,3-dichlorophenyl)-4-[(isoquinolin-5-yl)sulfonyl]piperazine-1-carboxamide
4 water water
#
_entity_poly.entity_id   1
_entity_poly.type   'polypeptide(L)'
_entity_poly.pdbx_seq_one_letter_code
;GSSIAERSVPIAVPVPTGGDDPTKIAMLGLTFDDVLLLPAASDVLPANADTSSQLTKKIRLKVPLVSSAMDTVTEARMAI
AMARAGGMGVLHRNLPVAEQAAQVETVKRSGGLLVGAAVGVGDDAWERAMALRDAGVDVLVVDTAHAHNRKVLDMVHRLK
TTVGDEIEVVGGNVATRAAAAALVEAGADAVKVGVGPGSICTTRVVAGVGAPQITAILEAVAACAPHGVPVIADGGLQYS
GDIAKALAAGASTAMLGSLLAGTAESPGELILVNGKQFKSYRGMGSLGAMQGRGGAKSYSKDRYFQDDALSEDKLVPEGI
EGRVPFRGPLSTVIHQLVGGLRAAMGYTGSATIEELQQAQFVQITAAGLKESHPHDITMTVEAPNYYAR
;
_entity_poly.pdbx_strand_id   A
#
loop_
_chem_comp.id
_chem_comp.type
_chem_comp.name
_chem_comp.formula
FWV non-polymer N-(2,3-dichlorophenyl)-4-[(isoquinolin-5-yl)sulfonyl]piperazine-1-carboxamide 'C20 H18 Cl2 N4 O3 S'
IMP non-polymer 'INOSINIC ACID' 'C10 H13 N4 O8 P'
#
# COMPACT_ATOMS: atom_id res chain seq x y z
N VAL A 15 -22.32 -1.72 -30.61
CA VAL A 15 -21.92 -1.80 -29.21
C VAL A 15 -23.16 -1.82 -28.31
N PRO A 16 -23.35 -2.91 -27.54
CA PRO A 16 -24.55 -3.13 -26.72
C PRO A 16 -24.81 -2.03 -25.69
N THR A 17 -23.76 -1.36 -25.21
CA THR A 17 -23.94 -0.33 -24.16
C THR A 17 -23.94 1.10 -24.72
N GLY A 18 -23.87 1.25 -26.05
CA GLY A 18 -24.04 2.55 -26.65
C GLY A 18 -22.90 3.10 -27.48
N GLY A 19 -23.26 3.84 -28.54
CA GLY A 19 -22.27 4.38 -29.47
C GLY A 19 -21.73 3.33 -30.40
N ASP A 20 -20.71 3.69 -31.18
CA ASP A 20 -20.14 2.79 -32.18
C ASP A 20 -18.68 2.40 -31.92
N ASP A 21 -18.14 2.82 -30.77
CA ASP A 21 -16.74 2.57 -30.41
C ASP A 21 -16.61 1.50 -29.29
N PRO A 22 -16.09 0.31 -29.64
CA PRO A 22 -15.94 -0.79 -28.67
C PRO A 22 -14.93 -0.50 -27.56
N THR A 23 -14.05 0.48 -27.77
CA THR A 23 -13.00 0.76 -26.82
C THR A 23 -13.38 1.85 -25.81
N LYS A 24 -14.53 2.47 -26.00
CA LYS A 24 -14.95 3.57 -25.11
C LYS A 24 -15.09 3.08 -23.67
N ILE A 25 -15.71 1.92 -23.51
CA ILE A 25 -15.74 1.23 -22.23
C ILE A 25 -14.74 0.08 -22.37
N ALA A 26 -13.56 0.32 -21.82
CA ALA A 26 -12.34 -0.41 -22.14
C ALA A 26 -12.21 -1.77 -21.45
N MET A 27 -12.88 -1.92 -20.31
CA MET A 27 -12.77 -3.12 -19.47
C MET A 27 -13.90 -3.21 -18.46
N LEU A 28 -14.08 -4.39 -17.87
CA LEU A 28 -14.97 -4.59 -16.72
C LEU A 28 -14.12 -4.72 -15.46
N GLY A 29 -14.25 -3.76 -14.55
CA GLY A 29 -13.36 -3.71 -13.39
C GLY A 29 -13.92 -4.43 -12.17
N LEU A 30 -13.14 -5.37 -11.64
CA LEU A 30 -13.50 -6.13 -10.44
C LEU A 30 -12.80 -5.61 -9.18
N THR A 31 -13.53 -5.59 -8.07
CA THR A 31 -12.94 -5.23 -6.78
C THR A 31 -12.78 -6.49 -5.93
N PHE A 32 -12.24 -6.37 -4.70
CA PHE A 32 -12.02 -7.54 -3.85
C PHE A 32 -13.31 -8.33 -3.60
N ASP A 33 -14.42 -7.65 -3.32
CA ASP A 33 -15.70 -8.33 -3.05
C ASP A 33 -16.29 -9.12 -4.25
N ASP A 34 -15.78 -8.88 -5.46
CA ASP A 34 -16.23 -9.59 -6.65
C ASP A 34 -15.64 -11.01 -6.83
N VAL A 35 -14.62 -11.38 -6.06
CA VAL A 35 -13.94 -12.67 -6.26
C VAL A 35 -13.68 -13.44 -4.94
N LEU A 36 -13.53 -14.76 -5.05
CA LEU A 36 -13.04 -15.60 -3.97
C LEU A 36 -11.92 -16.48 -4.50
N LEU A 37 -10.98 -16.85 -3.62
CA LEU A 37 -9.94 -17.85 -3.96
C LEU A 37 -10.47 -19.27 -3.95
N LEU A 38 -10.19 -20.02 -5.02
CA LEU A 38 -10.60 -21.43 -5.06
C LEU A 38 -9.60 -22.32 -4.30
N PRO A 39 -10.13 -23.27 -3.51
CA PRO A 39 -9.24 -24.27 -2.90
C PRO A 39 -8.56 -25.12 -3.96
N ALA A 40 -7.38 -25.67 -3.63
CA ALA A 40 -6.63 -26.50 -4.57
C ALA A 40 -5.90 -27.59 -3.79
N ALA A 41 -5.32 -28.56 -4.49
CA ALA A 41 -4.55 -29.62 -3.85
C ALA A 41 -3.49 -29.01 -2.93
N SER A 42 -3.37 -29.49 -1.71
CA SER A 42 -2.45 -28.90 -0.76
C SER A 42 -1.69 -29.85 0.14
N ASP A 43 -0.40 -29.60 0.27
CA ASP A 43 0.47 -30.23 1.24
C ASP A 43 0.89 -29.26 2.33
N VAL A 44 0.26 -28.09 2.36
CA VAL A 44 0.69 -27.00 3.20
C VAL A 44 -0.15 -26.81 4.44
N LEU A 45 0.47 -26.82 5.60
CA LEU A 45 -0.20 -26.45 6.85
C LEU A 45 -0.09 -24.94 7.02
N PRO A 46 -1.16 -24.27 7.46
CA PRO A 46 -1.07 -22.81 7.67
C PRO A 46 0.13 -22.38 8.53
N ALA A 47 0.39 -23.11 9.60
CA ALA A 47 1.49 -22.75 10.50
C ALA A 47 2.88 -22.86 9.87
N ASN A 48 2.97 -23.62 8.77
CA ASN A 48 4.26 -23.88 8.11
C ASN A 48 4.50 -23.12 6.80
N ALA A 49 3.49 -22.40 6.33
CA ALA A 49 3.67 -21.55 5.16
C ALA A 49 4.78 -20.51 5.38
N ASP A 50 5.45 -20.13 4.29
CA ASP A 50 6.49 -19.08 4.32
C ASP A 50 5.84 -17.79 3.83
N THR A 51 5.65 -16.82 4.71
CA THR A 51 4.94 -15.59 4.34
C THR A 51 5.86 -14.47 3.81
N SER A 52 7.16 -14.75 3.64
CA SER A 52 8.09 -13.68 3.21
C SER A 52 7.84 -13.23 1.75
N SER A 53 8.15 -11.98 1.45
CA SER A 53 7.89 -11.46 0.09
C SER A 53 8.70 -10.19 -0.21
N GLN A 54 8.93 -9.92 -1.49
CA GLN A 54 9.67 -8.72 -1.90
C GLN A 54 8.84 -7.45 -1.75
N LEU A 55 9.35 -6.49 -0.96
CA LEU A 55 8.82 -5.14 -0.94
C LEU A 55 9.30 -4.38 -2.18
N THR A 56 10.60 -4.54 -2.46
CA THR A 56 11.26 -3.94 -3.64
C THR A 56 12.19 -4.97 -4.29
N LYS A 57 12.85 -4.60 -5.38
CA LYS A 57 13.78 -5.55 -6.05
C LYS A 57 14.78 -6.14 -5.05
N LYS A 58 15.32 -5.33 -4.15
CA LYS A 58 16.36 -5.81 -3.22
C LYS A 58 15.87 -6.16 -1.82
N ILE A 59 14.77 -5.58 -1.36
CA ILE A 59 14.35 -5.77 0.03
C ILE A 59 13.22 -6.80 0.18
N ARG A 60 13.46 -7.85 0.96
CA ARG A 60 12.45 -8.87 1.28
C ARG A 60 12.00 -8.77 2.74
N LEU A 61 10.69 -8.71 2.96
CA LEU A 61 10.11 -8.65 4.30
C LEU A 61 9.67 -10.03 4.82
N LYS A 62 9.67 -10.19 6.13
CA LYS A 62 9.21 -11.44 6.73
C LYS A 62 7.70 -11.60 6.61
N VAL A 63 7.00 -10.47 6.69
CA VAL A 63 5.56 -10.45 6.47
CA VAL A 63 5.55 -10.38 6.57
C VAL A 63 5.23 -9.35 5.46
N PRO A 64 4.31 -9.67 4.54
CA PRO A 64 4.13 -8.83 3.34
C PRO A 64 3.23 -7.64 3.50
N LEU A 65 3.47 -6.84 4.55
CA LEU A 65 2.58 -5.75 4.92
C LEU A 65 3.34 -4.47 5.28
N VAL A 66 2.86 -3.33 4.77
N VAL A 66 2.80 -3.34 4.81
CA VAL A 66 3.41 -2.04 5.18
CA VAL A 66 3.36 -2.02 5.05
C VAL A 66 2.29 -1.08 5.55
C VAL A 66 2.27 -1.05 5.53
N SER A 67 2.59 -0.12 6.43
CA SER A 67 1.57 0.84 6.90
C SER A 67 1.55 2.13 6.07
N SER A 68 0.36 2.70 5.86
CA SER A 68 0.18 3.87 4.98
C SER A 68 0.92 5.11 5.47
N ALA A 69 1.39 5.90 4.51
CA ALA A 69 2.02 7.18 4.82
C ALA A 69 0.96 8.25 5.10
N MET A 70 0.33 8.16 6.27
CA MET A 70 -0.78 9.04 6.65
C MET A 70 -0.58 9.54 8.08
N ASP A 71 -1.02 10.77 8.38
CA ASP A 71 -0.75 11.33 9.70
C ASP A 71 -1.69 10.81 10.80
N THR A 72 -2.63 9.93 10.46
CA THR A 72 -3.37 9.17 11.48
C THR A 72 -3.04 7.67 11.42
N VAL A 73 -1.95 7.33 10.74
CA VAL A 73 -1.49 5.93 10.71
C VAL A 73 -0.02 5.75 11.11
N THR A 74 0.93 6.43 10.45
CA THR A 74 2.36 6.10 10.66
C THR A 74 3.29 7.24 11.05
N GLU A 75 3.64 7.29 12.34
CA GLU A 75 4.81 8.04 12.78
C GLU A 75 5.80 7.05 13.39
N ALA A 76 6.77 7.55 14.17
CA ALA A 76 7.85 6.68 14.65
C ALA A 76 7.39 5.41 15.38
N ARG A 77 6.42 5.53 16.25
CA ARG A 77 5.98 4.41 17.04
C ARG A 77 5.41 3.28 16.20
N MET A 78 4.59 3.64 15.21
CA MET A 78 4.03 2.65 14.29
C MET A 78 5.13 2.01 13.43
N ALA A 79 6.09 2.82 12.95
CA ALA A 79 7.17 2.27 12.12
C ALA A 79 8.03 1.26 12.88
N ILE A 80 8.29 1.54 14.16
CA ILE A 80 9.05 0.61 15.00
C ILE A 80 8.28 -0.71 15.20
N ALA A 81 7.00 -0.60 15.53
CA ALA A 81 6.19 -1.80 15.76
C ALA A 81 6.02 -2.63 14.49
N MET A 82 5.81 -1.97 13.36
CA MET A 82 5.68 -2.68 12.08
C MET A 82 6.96 -3.46 11.73
N ALA A 83 8.12 -2.83 11.92
CA ALA A 83 9.38 -3.50 11.61
C ALA A 83 9.62 -4.71 12.52
N ARG A 84 9.29 -4.56 13.79
CA ARG A 84 9.46 -5.66 14.75
C ARG A 84 8.51 -6.83 14.45
N ALA A 85 7.36 -6.53 13.85
CA ALA A 85 6.41 -7.58 13.48
C ALA A 85 6.77 -8.24 12.15
N GLY A 86 7.81 -7.73 11.49
CA GLY A 86 8.31 -8.31 10.26
C GLY A 86 7.92 -7.58 8.99
N GLY A 87 7.18 -6.47 9.13
CA GLY A 87 6.79 -5.63 7.99
C GLY A 87 7.61 -4.33 7.95
N MET A 88 6.97 -3.23 7.56
CA MET A 88 7.65 -1.92 7.53
C MET A 88 6.64 -0.78 7.59
N GLY A 89 7.06 0.37 8.14
CA GLY A 89 6.22 1.55 8.13
C GLY A 89 6.74 2.57 7.11
N VAL A 90 5.82 3.32 6.51
CA VAL A 90 6.21 4.45 5.67
C VAL A 90 5.79 5.75 6.36
N LEU A 91 6.77 6.52 6.85
CA LEU A 91 6.50 7.76 7.57
C LEU A 91 5.83 8.84 6.70
N HIS A 92 4.77 9.47 7.22
CA HIS A 92 4.04 10.46 6.43
C HIS A 92 4.88 11.74 6.24
N ARG A 93 4.47 12.57 5.28
CA ARG A 93 5.24 13.80 4.98
C ARG A 93 4.49 15.10 5.27
N ASN A 94 3.46 15.04 6.08
CA ASN A 94 2.68 16.22 6.46
C ASN A 94 3.25 16.92 7.71
N LEU A 95 4.51 17.26 7.64
CA LEU A 95 5.22 17.87 8.75
C LEU A 95 6.55 18.43 8.21
N PRO A 96 7.22 19.29 9.00
CA PRO A 96 8.50 19.84 8.52
C PRO A 96 9.57 18.79 8.22
N VAL A 97 10.46 19.11 7.29
CA VAL A 97 11.53 18.21 6.88
C VAL A 97 12.38 17.73 8.06
N ALA A 98 12.82 18.67 8.90
CA ALA A 98 13.68 18.29 10.03
C ALA A 98 12.99 17.32 10.99
N GLU A 99 11.67 17.41 11.12
CA GLU A 99 10.89 16.54 12.01
C GLU A 99 10.71 15.14 11.44
N GLN A 100 10.50 15.06 10.15
CA GLN A 100 10.39 13.75 9.51
C GLN A 100 11.74 13.02 9.59
N ALA A 101 12.83 13.76 9.35
CA ALA A 101 14.17 13.19 9.41
C ALA A 101 14.50 12.68 10.82
N ALA A 102 14.02 13.39 11.83
CA ALA A 102 14.21 12.99 13.23
C ALA A 102 13.41 11.73 13.59
N GLN A 103 12.27 11.52 12.94
CA GLN A 103 11.51 10.30 13.19
C GLN A 103 12.26 9.10 12.62
N VAL A 104 12.94 9.30 11.49
CA VAL A 104 13.78 8.26 10.89
C VAL A 104 14.90 7.82 11.84
N GLU A 105 15.56 8.79 12.46
CA GLU A 105 16.65 8.48 13.38
C GLU A 105 16.13 7.80 14.65
N THR A 106 14.96 8.21 15.12
CA THR A 106 14.31 7.57 16.25
C THR A 106 14.11 6.07 15.99
N VAL A 107 13.66 5.75 14.78
CA VAL A 107 13.45 4.36 14.41
C VAL A 107 14.79 3.60 14.34
N LYS A 108 15.80 4.21 13.73
CA LYS A 108 17.10 3.55 13.58
C LYS A 108 17.79 3.38 14.94
N ARG A 109 17.41 4.16 15.91
CA ARG A 109 17.98 4.08 17.24
C ARG A 109 17.42 2.92 18.05
N SER A 110 16.35 2.33 17.55
CA SER A 110 15.73 1.20 18.22
C SER A 110 16.18 -0.14 17.64
N GLY A 111 17.38 -0.18 17.10
CA GLY A 111 17.92 -1.39 16.52
C GLY A 111 18.10 -1.30 15.01
N GLY A 112 18.44 -2.42 14.38
CA GLY A 112 18.60 -2.46 12.95
C GLY A 112 17.27 -2.66 12.25
N LEU A 113 16.39 -1.65 12.35
CA LEU A 113 15.04 -1.77 11.82
C LEU A 113 14.87 -1.02 10.49
N LEU A 114 14.27 -1.70 9.52
CA LEU A 114 13.91 -1.09 8.24
C LEU A 114 12.87 0.02 8.40
N VAL A 115 12.99 1.08 7.60
CA VAL A 115 12.01 2.16 7.61
C VAL A 115 11.95 2.86 6.25
N GLY A 116 10.76 3.32 5.87
CA GLY A 116 10.58 4.13 4.68
C GLY A 116 9.97 5.48 5.00
N ALA A 117 9.99 6.39 4.03
CA ALA A 117 9.43 7.72 4.22
C ALA A 117 8.94 8.29 2.89
N ALA A 118 7.83 9.01 2.94
CA ALA A 118 7.23 9.59 1.74
C ALA A 118 7.83 10.96 1.36
N VAL A 119 7.92 11.22 0.06
CA VAL A 119 8.26 12.56 -0.46
C VAL A 119 7.34 12.86 -1.63
N GLY A 120 7.11 14.14 -1.91
CA GLY A 120 6.30 14.58 -3.04
C GLY A 120 7.13 14.89 -4.28
N VAL A 121 6.62 15.78 -5.14
CA VAL A 121 7.38 16.21 -6.31
C VAL A 121 7.44 17.75 -6.40
N GLY A 122 7.03 18.42 -5.33
CA GLY A 122 7.09 19.87 -5.27
C GLY A 122 8.50 20.40 -5.15
N ASP A 123 8.67 21.72 -4.98
CA ASP A 123 10.04 22.26 -4.98
C ASP A 123 10.84 21.90 -3.79
N ASP A 124 10.16 21.59 -2.73
CA ASP A 124 10.86 21.21 -1.49
C ASP A 124 11.11 19.71 -1.36
N ALA A 125 10.67 18.94 -2.35
CA ALA A 125 10.74 17.47 -2.28
C ALA A 125 12.16 16.93 -2.33
N TRP A 126 13.03 17.56 -3.12
CA TRP A 126 14.41 17.08 -3.22
C TRP A 126 15.17 17.30 -1.91
N GLU A 127 15.04 18.45 -1.32
N GLU A 127 14.98 18.51 -1.36
CA GLU A 127 15.74 18.64 -0.07
CA GLU A 127 15.68 18.71 -0.12
C GLU A 127 15.22 17.70 1.01
C GLU A 127 15.16 17.77 0.96
N ARG A 128 13.93 17.44 1.02
CA ARG A 128 13.36 16.47 1.96
C ARG A 128 13.99 15.09 1.75
N ALA A 129 14.10 14.67 0.50
CA ALA A 129 14.69 13.36 0.17
C ALA A 129 16.15 13.27 0.63
N MET A 130 16.91 14.34 0.48
CA MET A 130 18.30 14.31 0.89
C MET A 130 18.46 14.27 2.39
N ALA A 131 17.62 15.00 3.10
CA ALA A 131 17.63 14.94 4.56
C ALA A 131 17.24 13.56 5.10
N LEU A 132 16.33 12.88 4.40
CA LEU A 132 15.93 11.53 4.79
C LEU A 132 17.10 10.55 4.53
N ARG A 133 17.83 10.75 3.46
CA ARG A 133 18.98 9.92 3.16
C ARG A 133 20.07 10.10 4.20
N ASP A 134 20.31 11.34 4.56
CA ASP A 134 21.28 11.62 5.60
C ASP A 134 20.88 10.98 6.93
N ALA A 135 19.58 10.80 7.16
CA ALA A 135 19.10 10.21 8.40
C ALA A 135 19.16 8.67 8.41
N GLY A 136 19.47 8.07 7.27
CA GLY A 136 19.60 6.62 7.18
C GLY A 136 18.36 5.87 6.69
N VAL A 137 17.46 6.54 5.97
CA VAL A 137 16.23 5.88 5.48
C VAL A 137 16.60 4.75 4.52
N ASP A 138 15.82 3.67 4.54
CA ASP A 138 16.05 2.52 3.67
C ASP A 138 15.28 2.60 2.35
N VAL A 139 14.10 3.20 2.40
CA VAL A 139 13.18 3.27 1.26
C VAL A 139 12.62 4.67 1.10
N LEU A 140 12.71 5.24 -0.10
CA LEU A 140 12.00 6.49 -0.39
C LEU A 140 10.77 6.19 -1.25
N VAL A 141 9.62 6.71 -0.83
CA VAL A 141 8.39 6.52 -1.59
C VAL A 141 7.97 7.85 -2.22
N VAL A 142 8.06 7.93 -3.55
CA VAL A 142 7.54 9.08 -4.29
C VAL A 142 6.02 8.94 -4.28
N ASP A 143 5.36 9.83 -3.53
CA ASP A 143 4.02 9.65 -2.96
C ASP A 143 3.00 10.60 -3.62
N THR A 144 2.34 10.14 -4.69
CA THR A 144 1.39 10.98 -5.44
C THR A 144 0.09 10.23 -5.74
N ALA A 145 -0.92 10.99 -6.18
CA ALA A 145 -2.19 10.37 -6.57
C ALA A 145 -2.22 9.95 -8.03
N HIS A 146 -1.22 10.37 -8.80
CA HIS A 146 -1.20 10.09 -10.24
C HIS A 146 0.23 10.12 -10.75
N ALA A 147 0.86 8.94 -10.86
CA ALA A 147 2.28 8.90 -11.21
C ALA A 147 2.56 8.93 -12.72
N HIS A 148 1.51 8.84 -13.54
CA HIS A 148 1.71 8.84 -15.00
C HIS A 148 1.86 10.27 -15.53
N ASN A 149 3.03 10.84 -15.27
CA ASN A 149 3.27 12.26 -15.42
C ASN A 149 4.79 12.50 -15.46
N ARG A 150 5.25 13.37 -16.34
CA ARG A 150 6.69 13.52 -16.48
C ARG A 150 7.41 14.00 -15.26
N LYS A 151 6.83 14.90 -14.51
CA LYS A 151 7.49 15.37 -13.28
C LYS A 151 7.72 14.22 -12.28
N VAL A 152 6.73 13.36 -12.12
CA VAL A 152 6.87 12.22 -11.21
C VAL A 152 7.89 11.19 -11.72
N LEU A 153 7.85 10.89 -13.01
CA LEU A 153 8.77 9.94 -13.60
C LEU A 153 10.20 10.47 -13.47
N ASP A 154 10.36 11.77 -13.68
CA ASP A 154 11.67 12.43 -13.55
C ASP A 154 12.24 12.34 -12.13
N MET A 155 11.37 12.51 -11.13
CA MET A 155 11.78 12.43 -9.74
C MET A 155 12.28 11.03 -9.40
N VAL A 156 11.52 10.02 -9.83
CA VAL A 156 11.90 8.63 -9.57
C VAL A 156 13.28 8.31 -10.20
N HIS A 157 13.44 8.74 -11.45
CA HIS A 157 14.69 8.50 -12.17
C HIS A 157 15.87 9.25 -11.54
N ARG A 158 15.66 10.50 -11.16
CA ARG A 158 16.74 11.29 -10.57
C ARG A 158 17.18 10.69 -9.24
N LEU A 159 16.23 10.29 -8.40
CA LEU A 159 16.57 9.61 -7.15
C LEU A 159 17.36 8.33 -7.39
N LYS A 160 16.89 7.49 -8.30
CA LYS A 160 17.53 6.21 -8.54
C LYS A 160 18.97 6.39 -9.03
N THR A 161 19.19 7.40 -9.88
CA THR A 161 20.51 7.65 -10.42
C THR A 161 21.45 8.33 -9.41
N THR A 162 20.88 8.95 -8.39
CA THR A 162 21.66 9.73 -7.43
C THR A 162 21.97 8.95 -6.15
N VAL A 163 20.96 8.29 -5.59
CA VAL A 163 21.12 7.58 -4.33
C VAL A 163 20.74 6.11 -4.42
N GLY A 164 20.57 5.62 -5.64
CA GLY A 164 19.97 4.31 -5.87
C GLY A 164 20.78 3.10 -5.45
N ASP A 165 22.06 3.29 -5.17
CA ASP A 165 22.87 2.19 -4.74
C ASP A 165 22.62 1.87 -3.28
N GLU A 166 22.27 2.85 -2.49
CA GLU A 166 22.07 2.65 -1.06
C GLU A 166 20.60 2.74 -0.63
N ILE A 167 19.74 3.26 -1.51
CA ILE A 167 18.33 3.43 -1.19
C ILE A 167 17.42 2.86 -2.28
N GLU A 168 16.38 2.13 -1.88
CA GLU A 168 15.37 1.65 -2.84
C GLU A 168 14.26 2.68 -3.06
N VAL A 169 13.86 2.85 -4.32
CA VAL A 169 12.92 3.91 -4.69
C VAL A 169 11.58 3.33 -5.19
N VAL A 170 10.50 3.67 -4.49
CA VAL A 170 9.14 3.26 -4.86
C VAL A 170 8.43 4.42 -5.56
N GLY A 171 7.70 4.13 -6.64
CA GLY A 171 6.85 5.13 -7.28
C GLY A 171 5.37 4.75 -7.33
N GLY A 172 4.49 5.74 -7.22
CA GLY A 172 3.05 5.50 -7.27
C GLY A 172 2.27 6.80 -7.12
N ASN A 173 0.95 6.75 -7.20
CA ASN A 173 0.18 5.55 -7.47
C ASN A 173 -0.29 5.45 -8.91
N VAL A 174 -0.54 4.22 -9.36
CA VAL A 174 -1.05 3.96 -10.71
C VAL A 174 -2.24 2.99 -10.68
N ALA A 175 -2.96 2.90 -11.80
CA ALA A 175 -4.07 1.94 -11.87
C ALA A 175 -4.24 1.33 -13.27
N THR A 176 -3.26 1.57 -14.14
CA THR A 176 -3.29 1.01 -15.50
C THR A 176 -1.94 0.37 -15.87
N ARG A 177 -2.00 -0.53 -16.85
CA ARG A 177 -0.81 -1.20 -17.38
C ARG A 177 0.21 -0.19 -17.94
N ALA A 178 -0.26 0.78 -18.72
CA ALA A 178 0.64 1.76 -19.34
C ALA A 178 1.37 2.62 -18.30
N ALA A 179 0.66 3.02 -17.23
CA ALA A 179 1.27 3.83 -16.19
C ALA A 179 2.33 3.05 -15.42
N ALA A 180 2.03 1.79 -15.09
CA ALA A 180 3.00 0.91 -14.43
C ALA A 180 4.25 0.73 -15.30
N ALA A 181 4.04 0.53 -16.60
CA ALA A 181 5.16 0.36 -17.54
C ALA A 181 6.07 1.60 -17.56
N ALA A 182 5.48 2.79 -17.48
CA ALA A 182 6.28 4.02 -17.48
C ALA A 182 7.15 4.14 -16.24
N LEU A 183 6.61 3.76 -15.07
CA LEU A 183 7.42 3.77 -13.84
C LEU A 183 8.57 2.76 -13.91
N VAL A 184 8.31 1.59 -14.48
CA VAL A 184 9.37 0.59 -14.67
C VAL A 184 10.51 1.16 -15.51
N GLU A 185 10.16 1.79 -16.63
CA GLU A 185 11.17 2.39 -17.51
C GLU A 185 11.97 3.49 -16.81
N ALA A 186 11.31 4.24 -15.93
CA ALA A 186 11.96 5.32 -15.21
C ALA A 186 12.96 4.81 -14.15
N GLY A 187 12.88 3.52 -13.84
CA GLY A 187 13.80 2.90 -12.89
C GLY A 187 13.25 2.53 -11.51
N ALA A 188 11.92 2.52 -11.35
CA ALA A 188 11.34 2.18 -10.04
C ALA A 188 11.76 0.80 -9.52
N ASP A 189 12.02 0.73 -8.21
CA ASP A 189 12.32 -0.55 -7.56
C ASP A 189 11.04 -1.27 -7.09
N ALA A 190 9.91 -0.55 -7.08
CA ALA A 190 8.59 -1.12 -6.83
C ALA A 190 7.52 -0.16 -7.36
N VAL A 191 6.36 -0.69 -7.72
CA VAL A 191 5.27 0.16 -8.24
C VAL A 191 4.05 0.04 -7.33
N LYS A 192 3.49 1.17 -6.89
CA LYS A 192 2.37 1.13 -5.94
C LYS A 192 1.05 1.41 -6.67
N VAL A 193 0.07 0.54 -6.43
CA VAL A 193 -1.17 0.51 -7.22
C VAL A 193 -2.38 0.89 -6.37
N GLY A 194 -3.14 1.87 -6.85
CA GLY A 194 -4.38 2.28 -6.20
C GLY A 194 -4.77 3.71 -6.52
N VAL A 195 -5.74 3.89 -7.42
CA VAL A 195 -6.28 5.22 -7.69
C VAL A 195 -7.78 5.15 -7.46
N GLY A 196 -8.23 5.75 -6.36
CA GLY A 196 -9.63 5.67 -5.95
C GLY A 196 -10.17 4.67 -4.92
N PRO A 197 -9.41 3.62 -4.54
CA PRO A 197 -10.07 2.57 -3.74
C PRO A 197 -10.13 2.78 -2.21
N GLY A 198 -9.43 3.78 -1.67
CA GLY A 198 -9.28 3.90 -0.23
C GLY A 198 -10.58 4.09 0.55
N SER A 199 -10.62 3.57 1.77
CA SER A 199 -11.84 3.63 2.60
C SER A 199 -12.30 5.07 2.86
N ILE A 200 -11.36 6.00 2.94
CA ILE A 200 -11.67 7.41 3.22
C ILE A 200 -11.62 8.28 1.97
N CYS A 201 -11.60 7.64 0.80
CA CYS A 201 -11.44 8.33 -0.49
CA CYS A 201 -11.44 8.33 -0.49
C CYS A 201 -12.76 8.83 -1.08
N THR A 202 -12.76 10.05 -1.60
CA THR A 202 -13.95 10.55 -2.31
C THR A 202 -13.64 10.92 -3.76
N THR A 203 -12.45 10.57 -4.24
CA THR A 203 -12.07 10.80 -5.65
C THR A 203 -13.09 10.23 -6.64
N ARG A 204 -13.65 9.08 -6.32
CA ARG A 204 -14.65 8.48 -7.17
C ARG A 204 -15.90 9.34 -7.31
N VAL A 205 -16.33 9.96 -6.24
CA VAL A 205 -17.52 10.80 -6.36
C VAL A 205 -17.22 12.25 -6.73
N VAL A 206 -16.06 12.79 -6.34
CA VAL A 206 -15.72 14.19 -6.63
C VAL A 206 -15.23 14.37 -8.07
N ALA A 207 -14.35 13.48 -8.52
CA ALA A 207 -13.79 13.55 -9.88
C ALA A 207 -14.44 12.56 -10.86
N GLY A 208 -15.07 11.51 -10.33
CA GLY A 208 -15.63 10.47 -11.17
C GLY A 208 -14.59 9.52 -11.75
N VAL A 209 -13.43 9.45 -11.08
CA VAL A 209 -12.24 8.73 -11.56
C VAL A 209 -11.92 7.58 -10.62
N GLY A 210 -11.55 6.43 -11.17
CA GLY A 210 -11.05 5.34 -10.34
C GLY A 210 -10.90 4.06 -11.14
N ALA A 211 -10.47 3.01 -10.46
CA ALA A 211 -10.24 1.72 -11.06
C ALA A 211 -10.37 0.63 -10.00
N PRO A 212 -11.33 -0.27 -10.11
CA PRO A 212 -11.48 -1.33 -9.14
C PRO A 212 -10.17 -2.15 -8.96
N GLN A 213 -9.79 -2.46 -7.73
CA GLN A 213 -8.43 -2.89 -7.40
C GLN A 213 -7.93 -4.25 -7.92
N ILE A 214 -8.81 -5.22 -8.00
CA ILE A 214 -8.40 -6.53 -8.51
C ILE A 214 -7.95 -6.34 -9.97
N THR A 215 -8.79 -5.69 -10.77
CA THR A 215 -8.44 -5.44 -12.17
C THR A 215 -7.19 -4.54 -12.29
N ALA A 216 -7.11 -3.49 -11.46
CA ALA A 216 -5.92 -2.61 -11.46
C ALA A 216 -4.64 -3.39 -11.13
N ILE A 217 -4.71 -4.31 -10.16
CA ILE A 217 -3.52 -5.12 -9.82
C ILE A 217 -3.15 -6.07 -10.96
N LEU A 218 -4.16 -6.74 -11.55
CA LEU A 218 -3.90 -7.65 -12.69
C LEU A 218 -3.23 -6.92 -13.85
N GLU A 219 -3.68 -5.71 -14.12
CA GLU A 219 -3.10 -4.92 -15.22
C GLU A 219 -1.67 -4.43 -14.89
N ALA A 220 -1.46 -3.94 -13.67
CA ALA A 220 -0.14 -3.43 -13.28
C ALA A 220 0.90 -4.56 -13.26
N VAL A 221 0.50 -5.72 -12.74
CA VAL A 221 1.37 -6.88 -12.67
C VAL A 221 1.78 -7.33 -14.09
N ALA A 222 0.88 -7.20 -15.06
CA ALA A 222 1.20 -7.60 -16.43
C ALA A 222 2.36 -6.76 -17.01
N ALA A 223 2.52 -5.52 -16.51
CA ALA A 223 3.65 -4.67 -16.92
C ALA A 223 4.90 -4.83 -16.04
N CYS A 224 4.70 -5.13 -14.76
CA CYS A 224 5.80 -5.15 -13.78
C CYS A 224 6.48 -6.51 -13.60
N ALA A 225 5.70 -7.59 -13.51
CA ALA A 225 6.28 -8.92 -13.30
C ALA A 225 7.28 -9.35 -14.39
N PRO A 226 7.00 -9.07 -15.68
CA PRO A 226 8.02 -9.47 -16.67
C PRO A 226 9.36 -8.76 -16.52
N HIS A 227 9.40 -7.66 -15.77
CA HIS A 227 10.63 -6.92 -15.52
C HIS A 227 11.20 -7.12 -14.10
N GLY A 228 10.62 -8.06 -13.35
CA GLY A 228 11.07 -8.37 -12.01
C GLY A 228 10.83 -7.26 -10.98
N VAL A 229 9.80 -6.43 -11.23
CA VAL A 229 9.51 -5.31 -10.34
C VAL A 229 8.25 -5.60 -9.50
N PRO A 230 8.37 -5.61 -8.16
CA PRO A 230 7.24 -5.93 -7.28
C PRO A 230 6.14 -4.88 -7.28
N VAL A 231 4.89 -5.32 -7.12
CA VAL A 231 3.73 -4.43 -7.02
C VAL A 231 3.21 -4.37 -5.57
N ILE A 232 3.00 -3.15 -5.06
CA ILE A 232 2.41 -2.92 -3.74
C ILE A 232 0.94 -2.56 -3.93
N ALA A 233 0.02 -3.38 -3.40
CA ALA A 233 -1.42 -3.09 -3.47
C ALA A 233 -1.83 -2.12 -2.36
N ASP A 234 -2.28 -0.92 -2.74
CA ASP A 234 -2.50 0.19 -1.79
C ASP A 234 -3.93 0.70 -1.82
N GLY A 235 -4.70 0.34 -0.79
CA GLY A 235 -6.04 0.89 -0.61
C GLY A 235 -7.18 -0.07 -0.88
N GLY A 236 -8.26 0.06 -0.12
CA GLY A 236 -9.46 -0.73 -0.33
C GLY A 236 -9.49 -2.07 0.37
N LEU A 237 -8.43 -2.41 1.10
CA LEU A 237 -8.40 -3.69 1.81
C LEU A 237 -9.16 -3.56 3.13
N GLN A 238 -10.24 -4.33 3.27
CA GLN A 238 -11.12 -4.24 4.43
C GLN A 238 -11.07 -5.41 5.40
N TYR A 239 -10.63 -6.55 4.93
CA TYR A 239 -10.59 -7.79 5.73
C TYR A 239 -9.26 -8.48 5.53
N SER A 240 -8.86 -9.35 6.44
CA SER A 240 -7.63 -10.10 6.26
C SER A 240 -7.67 -10.91 4.96
N GLY A 241 -8.87 -11.34 4.56
CA GLY A 241 -9.00 -12.11 3.33
C GLY A 241 -8.64 -11.31 2.07
N ASP A 242 -8.78 -9.99 2.15
CA ASP A 242 -8.43 -9.14 1.01
C ASP A 242 -6.92 -9.12 0.75
N ILE A 243 -6.12 -9.36 1.79
CA ILE A 243 -4.66 -9.45 1.63
C ILE A 243 -4.33 -10.64 0.75
N ALA A 244 -4.94 -11.80 1.04
CA ALA A 244 -4.72 -12.98 0.23
C ALA A 244 -5.16 -12.76 -1.22
N LYS A 245 -6.31 -12.10 -1.40
CA LYS A 245 -6.79 -11.82 -2.75
C LYS A 245 -5.83 -10.91 -3.55
N ALA A 246 -5.33 -9.85 -2.90
CA ALA A 246 -4.42 -8.92 -3.57
C ALA A 246 -3.14 -9.62 -4.02
N LEU A 247 -2.58 -10.46 -3.15
CA LEU A 247 -1.35 -11.18 -3.48
C LEU A 247 -1.61 -12.23 -4.58
N ALA A 248 -2.74 -12.94 -4.52
CA ALA A 248 -3.07 -13.90 -5.58
C ALA A 248 -3.25 -13.23 -6.95
N ALA A 249 -3.74 -11.98 -6.97
CA ALA A 249 -3.85 -11.23 -8.22
C ALA A 249 -2.47 -10.84 -8.76
N GLY A 250 -1.43 -11.06 -7.95
CA GLY A 250 -0.06 -10.85 -8.40
C GLY A 250 0.74 -9.79 -7.67
N ALA A 251 0.13 -9.06 -6.72
CA ALA A 251 0.89 -8.12 -5.87
C ALA A 251 1.88 -8.88 -4.99
N SER A 252 2.95 -8.19 -4.56
CA SER A 252 3.94 -8.79 -3.67
C SER A 252 3.78 -8.37 -2.20
N THR A 253 3.23 -7.18 -1.97
CA THR A 253 2.88 -6.72 -0.63
C THR A 253 1.58 -5.91 -0.67
N ALA A 254 1.01 -5.64 0.50
CA ALA A 254 -0.18 -4.79 0.64
C ALA A 254 0.12 -3.62 1.59
N MET A 255 -0.37 -2.43 1.25
CA MET A 255 -0.27 -1.27 2.15
C MET A 255 -1.62 -1.02 2.82
N LEU A 256 -1.61 -0.87 4.15
CA LEU A 256 -2.86 -0.77 4.92
C LEU A 256 -3.03 0.56 5.66
N GLY A 257 -4.21 1.15 5.53
CA GLY A 257 -4.54 2.37 6.23
C GLY A 257 -5.60 2.13 7.29
N SER A 258 -6.85 1.97 6.88
CA SER A 258 -7.96 1.76 7.82
CA SER A 258 -7.94 1.77 7.83
C SER A 258 -7.74 0.59 8.79
N LEU A 259 -7.16 -0.50 8.30
CA LEU A 259 -6.99 -1.69 9.13
C LEU A 259 -5.96 -1.50 10.25
N LEU A 260 -5.09 -0.51 10.14
CA LEU A 260 -4.09 -0.26 11.19
C LEU A 260 -4.33 1.05 11.96
N ALA A 261 -5.24 1.88 11.45
CA ALA A 261 -5.55 3.16 12.09
C ALA A 261 -6.19 3.00 13.45
N GLY A 262 -6.80 1.85 13.71
CA GLY A 262 -7.45 1.62 14.99
C GLY A 262 -6.55 1.06 16.07
N THR A 263 -5.24 0.98 15.80
CA THR A 263 -4.33 0.36 16.75
C THR A 263 -3.72 1.37 17.73
N ALA A 264 -3.16 0.85 18.82
CA ALA A 264 -2.62 1.69 19.88
C ALA A 264 -1.47 2.54 19.38
N GLU A 265 -0.71 2.00 18.43
CA GLU A 265 0.52 2.63 17.95
C GLU A 265 0.30 3.75 16.94
N SER A 266 -0.91 3.89 16.41
CA SER A 266 -1.20 4.98 15.47
C SER A 266 -1.28 6.32 16.21
N PRO A 267 -1.02 7.44 15.50
CA PRO A 267 -1.17 8.76 16.13
C PRO A 267 -2.63 9.09 16.42
N GLY A 268 -2.88 10.07 17.28
CA GLY A 268 -4.25 10.51 17.53
C GLY A 268 -4.88 9.93 18.78
N GLU A 269 -5.94 10.56 19.25
CA GLU A 269 -6.55 10.22 20.53
C GLU A 269 -7.63 9.14 20.44
N LEU A 270 -7.84 8.46 21.57
CA LEU A 270 -8.97 7.55 21.72
C LEU A 270 -10.24 8.36 21.84
N ILE A 271 -11.28 7.96 21.11
CA ILE A 271 -12.56 8.69 21.10
C ILE A 271 -13.69 7.81 21.64
N LEU A 272 -14.52 8.36 22.51
CA LEU A 272 -15.65 7.63 23.06
C LEU A 272 -16.97 8.20 22.55
N VAL A 273 -17.70 7.43 21.76
CA VAL A 273 -19.04 7.84 21.34
C VAL A 273 -20.04 6.68 21.48
N ASN A 274 -21.18 6.99 22.11
CA ASN A 274 -22.24 6.01 22.36
C ASN A 274 -21.75 4.74 23.08
N GLY A 275 -20.85 4.92 24.03
CA GLY A 275 -20.33 3.82 24.83
C GLY A 275 -19.31 2.94 24.12
N LYS A 276 -18.87 3.35 22.94
CA LYS A 276 -17.92 2.58 22.17
C LYS A 276 -16.64 3.37 21.91
N GLN A 277 -15.52 2.67 21.79
CA GLN A 277 -14.21 3.30 21.59
C GLN A 277 -13.83 3.35 20.11
N PHE A 278 -13.33 4.51 19.68
CA PHE A 278 -12.88 4.74 18.32
C PHE A 278 -11.58 5.54 18.29
N LYS A 279 -10.92 5.56 17.13
CA LYS A 279 -9.84 6.50 16.87
C LYS A 279 -10.15 7.26 15.58
N SER A 280 -9.65 8.47 15.48
CA SER A 280 -9.78 9.28 14.30
C SER A 280 -8.99 8.72 13.13
N TYR A 281 -9.54 8.84 11.93
CA TYR A 281 -8.85 8.38 10.73
C TYR A 281 -9.27 9.30 9.57
N ARG A 282 -8.29 9.94 8.94
CA ARG A 282 -8.64 10.97 7.96
C ARG A 282 -7.79 10.84 6.70
N GLY A 283 -8.38 11.17 5.56
CA GLY A 283 -7.63 11.19 4.31
C GLY A 283 -6.60 12.31 4.30
N MET A 284 -5.52 12.11 3.56
CA MET A 284 -4.50 13.16 3.42
C MET A 284 -5.00 14.23 2.46
N GLY A 285 -6.13 13.95 1.82
CA GLY A 285 -6.79 14.91 0.95
C GLY A 285 -8.04 15.52 1.58
N SER A 286 -8.26 15.25 2.87
CA SER A 286 -9.37 15.88 3.60
C SER A 286 -9.06 17.34 3.93
N LEU A 287 -10.07 18.10 4.27
CA LEU A 287 -9.90 19.50 4.62
C LEU A 287 -8.95 19.67 5.80
N GLY A 288 -9.11 18.85 6.80
CA GLY A 288 -8.30 18.92 8.00
C GLY A 288 -6.82 18.66 7.80
N ALA A 289 -6.50 17.69 6.96
CA ALA A 289 -5.11 17.34 6.66
C ALA A 289 -4.43 18.40 5.80
N MET A 290 -5.17 18.98 4.86
CA MET A 290 -4.62 20.02 3.99
C MET A 290 -4.41 21.32 4.75
N GLN A 291 -5.15 21.50 5.84
CA GLN A 291 -5.02 22.71 6.65
C GLN A 291 -4.15 22.48 7.88
N LEU A 315 -10.45 25.19 -1.78
CA LEU A 315 -9.96 23.82 -1.73
C LEU A 315 -11.05 22.82 -2.09
N VAL A 316 -10.70 21.83 -2.89
CA VAL A 316 -11.64 20.76 -3.26
C VAL A 316 -11.12 19.41 -2.74
N PRO A 317 -11.58 19.00 -1.56
CA PRO A 317 -11.08 17.78 -0.93
C PRO A 317 -11.46 16.49 -1.65
N GLU A 318 -10.55 15.51 -1.59
CA GLU A 318 -10.80 14.19 -2.15
C GLU A 318 -10.69 13.09 -1.07
N GLY A 319 -10.84 13.49 0.19
CA GLY A 319 -10.91 12.55 1.30
C GLY A 319 -11.83 13.05 2.40
N ILE A 320 -12.24 12.16 3.31
CA ILE A 320 -13.06 12.54 4.45
C ILE A 320 -12.30 12.40 5.76
N GLU A 321 -12.85 13.02 6.81
CA GLU A 321 -12.36 12.81 8.16
C GLU A 321 -13.36 11.92 8.89
N GLY A 322 -12.92 10.74 9.31
CA GLY A 322 -13.82 9.78 9.94
C GLY A 322 -13.24 9.13 11.16
N ARG A 323 -13.76 7.96 11.52
CA ARG A 323 -13.23 7.20 12.64
C ARG A 323 -13.40 5.70 12.42
N VAL A 324 -12.55 4.93 13.09
CA VAL A 324 -12.58 3.49 13.00
C VAL A 324 -12.63 2.93 14.42
N PRO A 325 -13.21 1.74 14.59
CA PRO A 325 -13.21 1.11 15.91
C PRO A 325 -11.79 0.89 16.45
N PHE A 326 -11.63 1.09 17.75
CA PHE A 326 -10.35 0.82 18.41
C PHE A 326 -10.09 -0.67 18.47
N ARG A 327 -8.89 -1.09 18.07
CA ARG A 327 -8.58 -2.51 17.91
C ARG A 327 -7.52 -3.09 18.86
N GLY A 328 -6.84 -2.25 19.63
CA GLY A 328 -5.84 -2.75 20.56
C GLY A 328 -4.43 -2.65 19.99
N PRO A 329 -3.49 -3.45 20.52
CA PRO A 329 -2.09 -3.40 20.11
C PRO A 329 -1.88 -3.83 18.64
N LEU A 330 -0.89 -3.23 17.97
CA LEU A 330 -0.58 -3.56 16.58
C LEU A 330 -0.18 -5.02 16.44
N SER A 331 0.70 -5.48 17.34
CA SER A 331 1.23 -6.84 17.24
C SER A 331 0.10 -7.86 17.16
N THR A 332 -0.98 -7.59 17.89
CA THR A 332 -2.14 -8.48 17.93
C THR A 332 -2.98 -8.42 16.63
N VAL A 333 -3.15 -7.21 16.10
CA VAL A 333 -3.83 -7.03 14.81
C VAL A 333 -3.05 -7.70 13.68
N ILE A 334 -1.73 -7.50 13.64
CA ILE A 334 -0.90 -8.15 12.63
C ILE A 334 -0.99 -9.67 12.75
N HIS A 335 -1.00 -10.20 13.98
CA HIS A 335 -1.13 -11.65 14.14
C HIS A 335 -2.41 -12.20 13.49
N GLN A 336 -3.51 -11.52 13.70
CA GLN A 336 -4.75 -11.92 13.10
C GLN A 336 -4.79 -11.79 11.57
N LEU A 337 -4.24 -10.70 11.05
CA LEU A 337 -4.16 -10.51 9.60
C LEU A 337 -3.29 -11.58 8.93
N VAL A 338 -2.11 -11.84 9.50
CA VAL A 338 -1.24 -12.88 8.94
C VAL A 338 -1.86 -14.27 9.11
N GLY A 339 -2.62 -14.46 10.20
CA GLY A 339 -3.33 -15.71 10.41
C GLY A 339 -4.32 -16.04 9.29
N GLY A 340 -5.03 -15.02 8.81
CA GLY A 340 -5.93 -15.18 7.68
C GLY A 340 -5.19 -15.51 6.40
N LEU A 341 -4.09 -14.81 6.14
CA LEU A 341 -3.22 -15.12 5.02
C LEU A 341 -2.71 -16.56 5.08
N ARG A 342 -2.25 -17.00 6.25
CA ARG A 342 -1.78 -18.36 6.41
C ARG A 342 -2.88 -19.39 6.08
N ALA A 343 -4.11 -19.11 6.51
CA ALA A 343 -5.23 -20.00 6.19
C ALA A 343 -5.44 -20.11 4.67
N ALA A 344 -5.40 -18.96 3.97
CA ALA A 344 -5.55 -18.96 2.52
C ALA A 344 -4.45 -19.79 1.85
N MET A 345 -3.21 -19.68 2.36
CA MET A 345 -2.10 -20.44 1.79
C MET A 345 -2.33 -21.95 1.97
N GLY A 346 -2.90 -22.34 3.11
CA GLY A 346 -3.28 -23.73 3.32
C GLY A 346 -4.34 -24.23 2.34
N TYR A 347 -5.42 -23.46 2.17
CA TYR A 347 -6.52 -23.86 1.29
C TYR A 347 -6.09 -23.96 -0.17
N THR A 348 -5.13 -23.13 -0.56
CA THR A 348 -4.73 -23.05 -1.98
C THR A 348 -3.47 -23.87 -2.30
N GLY A 349 -2.87 -24.50 -1.28
CA GLY A 349 -1.65 -25.26 -1.50
C GLY A 349 -0.44 -24.41 -1.85
N SER A 350 -0.38 -23.21 -1.27
CA SER A 350 0.69 -22.25 -1.58
C SER A 350 1.74 -22.25 -0.47
N ALA A 351 2.94 -22.77 -0.76
CA ALA A 351 3.98 -22.90 0.26
C ALA A 351 4.71 -21.58 0.50
N THR A 352 4.66 -20.71 -0.50
CA THR A 352 5.33 -19.40 -0.49
C THR A 352 4.41 -18.36 -1.10
N ILE A 353 4.76 -17.07 -0.98
CA ILE A 353 3.94 -16.02 -1.59
C ILE A 353 4.04 -16.09 -3.13
N GLU A 354 5.18 -16.50 -3.64
CA GLU A 354 5.34 -16.71 -5.06
C GLU A 354 4.39 -17.78 -5.64
N GLU A 355 4.11 -18.80 -4.87
CA GLU A 355 3.13 -19.79 -5.26
C GLU A 355 1.70 -19.23 -5.15
N LEU A 356 1.44 -18.42 -4.14
CA LEU A 356 0.10 -17.82 -3.96
C LEU A 356 -0.26 -16.91 -5.15
N GLN A 357 0.76 -16.25 -5.69
CA GLN A 357 0.60 -15.40 -6.88
C GLN A 357 0.12 -16.19 -8.11
N GLN A 358 0.11 -17.52 -8.03
CA GLN A 358 -0.37 -18.34 -9.14
C GLN A 358 -1.76 -18.96 -8.90
N ALA A 359 -2.39 -18.60 -7.79
CA ALA A 359 -3.70 -19.18 -7.44
C ALA A 359 -4.83 -18.67 -8.36
N GLN A 360 -5.95 -19.41 -8.39
CA GLN A 360 -7.09 -19.02 -9.23
C GLN A 360 -8.29 -18.50 -8.44
N PHE A 361 -9.07 -17.65 -9.09
CA PHE A 361 -10.31 -17.07 -8.53
C PHE A 361 -11.59 -17.65 -9.13
N VAL A 362 -12.67 -17.58 -8.37
CA VAL A 362 -14.02 -17.66 -8.93
C VAL A 362 -14.70 -16.29 -8.79
N GLN A 363 -15.39 -15.83 -9.83
CA GLN A 363 -16.13 -14.56 -9.73
C GLN A 363 -17.50 -14.81 -9.12
N ILE A 364 -17.95 -13.95 -8.21
CA ILE A 364 -19.24 -14.20 -7.57
C ILE A 364 -20.26 -13.11 -7.93
N THR A 365 -21.53 -13.38 -7.64
CA THR A 365 -22.59 -12.42 -7.96
C THR A 365 -22.95 -11.58 -6.74
N ALA A 366 -23.86 -10.64 -6.95
CA ALA A 366 -24.41 -9.81 -5.87
C ALA A 366 -25.01 -10.65 -4.75
N ALA A 367 -25.72 -11.72 -5.13
CA ALA A 367 -26.39 -12.57 -4.15
C ALA A 367 -25.39 -13.20 -3.19
N GLY A 368 -24.25 -13.58 -3.71
CA GLY A 368 -23.27 -14.30 -2.93
C GLY A 368 -22.46 -13.52 -1.92
P IMP B . -7.41 2.18 3.12
O1P IMP B . -7.99 3.08 4.22
O2P IMP B . -6.48 1.15 3.66
O3P IMP B . -8.55 1.56 2.36
O5' IMP B . -6.65 3.14 2.12
C5' IMP B . -5.45 3.81 2.49
C4' IMP B . -4.77 4.42 1.22
O4' IMP B . -5.69 5.47 0.67
C3' IMP B . -3.64 5.12 1.47
O3' IMP B . -2.45 4.32 1.55
C2' IMP B . -3.54 6.21 0.21
O2' IMP B . -3.03 5.50 -0.96
C1' IMP B . -4.73 6.59 -0.03
N9 IMP B . -5.15 7.87 0.56
C8 IMP B . -4.69 8.51 1.65
N7 IMP B . -5.41 9.64 1.83
C5 IMP B . -6.35 9.73 0.85
C6 IMP B . -7.44 10.74 0.51
O6 IMP B . -7.62 11.72 1.16
N1 IMP B . -8.26 10.51 -0.61
C2 IMP B . -8.05 9.35 -1.41
N3 IMP B . -7.03 8.37 -1.08
C4 IMP B . -6.18 8.60 0.06
C10 FWV C . -3.16 15.76 -6.12
N12 FWV C . -3.90 15.36 -4.90
C13 FWV C . -3.22 15.22 -3.66
C17 FWV C . -5.29 15.11 -4.89
C21 FWV C . -4.56 10.76 -2.46
C22 FWV C . -5.18 9.84 -3.39
C24 FWV C . -6.95 9.17 -4.93
C26 FWV C . -5.17 7.71 -4.58
C28 FWV C . -3.36 8.31 -3.04
CL01 FWV C . -3.09 14.74 -12.26
C02 FWV C . -2.80 15.82 -10.88
C03 FWV C . -2.04 16.97 -10.98
C04 FWV C . -1.87 17.76 -9.85
C05 FWV C . -2.50 17.41 -8.60
C06 FWV C . -3.25 16.27 -8.53
C07 FWV C . -3.42 15.46 -9.66
CL08 FWV C . -4.36 14.00 -9.57
N09 FWV C . -3.88 15.89 -7.34
O11 FWV C . -1.91 15.96 -6.08
C14 FWV C . -3.36 13.77 -3.21
N15 FWV C . -4.76 13.44 -3.18
C16 FWV C . -5.51 13.68 -4.41
S18 FWV C . -5.28 12.32 -2.05
O19 FWV C . -4.82 12.71 -0.72
O20 FWV C . -6.68 12.30 -1.98
C23 FWV C . -6.40 10.11 -4.05
N25 FWV C . -6.32 7.99 -5.18
C27 FWV C . -4.57 8.64 -3.66
C29 FWV C . -2.76 9.20 -2.16
C30 FWV C . -3.38 10.43 -1.87
#